data_3BAC
#
_entry.id   3BAC
#
_cell.length_a   95.031
_cell.length_b   95.031
_cell.length_c   197.183
_cell.angle_alpha   90.000
_cell.angle_beta   90.000
_cell.angle_gamma   120.000
#
_symmetry.space_group_name_H-M   'P 62 2 2'
#
loop_
_entity.id
_entity.type
_entity.pdbx_description
1 polymer 'DNA ligase'
2 non-polymer 'PHOSPHATE ION'
3 non-polymer N-[2-(2,4-diaminopyrido[2,3-d]pyrimidin-7-yl)-2-methylpropyl]-4-phenoxybenzamide
4 water water
#
_entity_poly.entity_id   1
_entity_poly.type   'polypeptide(L)'
_entity_poly.pdbx_seq_one_letter_code
;AKPLSGFSQIRHEIPMLSLDNAFSDAEFNAFVKRIEDRLILLPKPLTFCCEPKLDGLAVSILYVNGELTQAATRGDGTTG
EDITANIRTIRNVPLQLLTDNPPARLEVRGEVFMPHAGFERLNKYALEHNEKTFANPRNAAAGSLRQLDPNITSKRPLVL
NAYGIGIAEGVGLPTTHYARLQWLKSIGIPVNPEIRLCNGADEVLDFYQDIQNKRSSLGYDIDGTVLKINDIALQNELGF
ISKAPRWAIAYKFPAQEELTLLNDHHHHHH
;
_entity_poly.pdbx_strand_id   A
#
# COMPACT_ATOMS: atom_id res chain seq x y z
N GLY A 6 0.12 -15.13 19.69
CA GLY A 6 -0.02 -14.50 18.34
C GLY A 6 1.14 -13.58 18.00
N PHE A 7 0.92 -12.72 17.00
CA PHE A 7 1.94 -11.76 16.58
C PHE A 7 2.02 -10.61 17.57
N SER A 8 3.21 -10.07 17.74
CA SER A 8 3.38 -8.94 18.62
C SER A 8 2.67 -7.77 17.94
N GLN A 9 2.01 -6.93 18.73
CA GLN A 9 1.30 -5.77 18.18
C GLN A 9 2.29 -4.62 18.02
N ILE A 10 2.11 -3.82 16.98
CA ILE A 10 2.98 -2.68 16.73
C ILE A 10 2.09 -1.49 16.41
N ARG A 11 2.27 -0.40 17.15
CA ARG A 11 1.49 0.80 16.91
C ARG A 11 2.30 1.61 15.91
N HIS A 12 1.72 1.86 14.75
CA HIS A 12 2.41 2.62 13.71
C HIS A 12 2.71 4.02 14.19
N GLU A 13 3.98 4.41 14.16
CA GLU A 13 4.37 5.75 14.58
C GLU A 13 3.54 6.74 13.77
N ILE A 14 3.46 6.49 12.46
CA ILE A 14 2.68 7.32 11.56
C ILE A 14 1.53 6.42 11.12
N PRO A 15 0.32 6.97 11.03
CA PRO A 15 -0.85 6.17 10.63
C PRO A 15 -0.77 5.58 9.23
N MET A 16 -1.60 4.58 8.99
CA MET A 16 -1.72 3.93 7.70
C MET A 16 -3.19 4.16 7.31
N LEU A 17 -3.44 5.35 6.76
CA LEU A 17 -4.78 5.78 6.35
C LEU A 17 -5.42 4.92 5.28
N SER A 18 -6.75 5.04 5.15
CA SER A 18 -7.47 4.29 4.14
C SER A 18 -7.78 5.26 3.01
N LEU A 19 -8.57 4.83 2.04
CA LEU A 19 -8.90 5.70 0.92
C LEU A 19 -10.40 5.71 0.62
N ASP A 20 -10.88 6.82 0.08
CA ASP A 20 -12.28 6.93 -0.31
C ASP A 20 -12.28 6.29 -1.69
N ASN A 21 -13.43 5.79 -2.11
CA ASN A 21 -13.48 5.15 -3.40
C ASN A 21 -14.38 5.84 -4.40
N ALA A 22 -14.15 5.54 -5.67
CA ALA A 22 -14.95 6.10 -6.73
C ALA A 22 -15.20 4.92 -7.66
N PHE A 23 -16.43 4.79 -8.12
CA PHE A 23 -16.79 3.68 -9.01
C PHE A 23 -17.32 4.20 -10.33
N SER A 24 -17.03 5.47 -10.62
CA SER A 24 -17.48 6.06 -11.88
C SER A 24 -16.73 7.34 -12.13
N ASP A 25 -16.63 7.71 -13.40
CA ASP A 25 -15.95 8.93 -13.80
C ASP A 25 -16.71 10.07 -13.12
N ALA A 26 -18.02 9.89 -13.03
CA ALA A 26 -18.86 10.89 -12.39
C ALA A 26 -18.33 11.22 -11.00
N GLU A 27 -18.19 10.19 -10.17
CA GLU A 27 -17.71 10.36 -8.81
C GLU A 27 -16.29 10.88 -8.78
N PHE A 28 -15.52 10.49 -9.80
CA PHE A 28 -14.14 10.93 -9.87
C PHE A 28 -14.00 12.42 -10.07
N ASN A 29 -14.72 12.97 -11.04
CA ASN A 29 -14.67 14.40 -11.32
C ASN A 29 -15.21 15.10 -10.09
N ALA A 30 -16.23 14.49 -9.48
CA ALA A 30 -16.84 15.01 -8.26
C ALA A 30 -15.72 15.28 -7.27
N PHE A 31 -14.83 14.29 -7.17
CA PHE A 31 -13.65 14.30 -6.29
C PHE A 31 -12.69 15.42 -6.68
N VAL A 32 -12.47 15.57 -7.98
CA VAL A 32 -11.59 16.59 -8.53
C VAL A 32 -12.14 17.97 -8.18
N LYS A 33 -13.38 18.22 -8.58
CA LYS A 33 -14.06 19.48 -8.30
C LYS A 33 -13.88 19.81 -6.82
N ARG A 34 -14.27 18.89 -5.94
CA ARG A 34 -14.14 19.07 -4.49
C ARG A 34 -12.75 19.62 -4.13
N ILE A 35 -11.73 19.17 -4.87
CA ILE A 35 -10.35 19.60 -4.65
C ILE A 35 -10.13 21.01 -5.17
N GLU A 36 -10.46 21.23 -6.44
CA GLU A 36 -10.31 22.54 -7.05
C GLU A 36 -10.89 23.64 -6.14
N ASP A 37 -12.16 23.51 -5.77
CA ASP A 37 -12.79 24.49 -4.89
C ASP A 37 -11.94 24.71 -3.63
N ARG A 38 -11.65 23.61 -2.95
CA ARG A 38 -10.87 23.62 -1.71
C ARG A 38 -9.51 24.29 -1.84
N LEU A 39 -8.80 24.01 -2.93
CA LEU A 39 -7.49 24.59 -3.15
C LEU A 39 -7.59 26.10 -3.27
N ILE A 40 -6.68 26.79 -2.59
CA ILE A 40 -6.64 28.25 -2.62
C ILE A 40 -6.57 28.78 -4.06
N LEU A 41 -5.66 28.21 -4.85
CA LEU A 41 -5.52 28.62 -6.24
C LEU A 41 -5.17 27.43 -7.14
N LEU A 42 -6.08 27.08 -8.05
CA LEU A 42 -5.84 25.97 -8.95
C LEU A 42 -4.69 26.27 -9.89
N PRO A 43 -3.61 25.48 -9.79
CA PRO A 43 -2.41 25.65 -10.63
C PRO A 43 -2.68 25.47 -12.13
N LYS A 44 -3.69 24.66 -12.44
CA LYS A 44 -4.05 24.39 -13.83
C LYS A 44 -2.90 23.67 -14.53
N PRO A 45 -3.14 22.41 -14.94
CA PRO A 45 -4.41 21.72 -14.73
C PRO A 45 -4.39 20.60 -13.69
N LEU A 46 -3.62 20.77 -12.62
CA LEU A 46 -3.51 19.74 -11.57
C LEU A 46 -2.92 18.42 -12.06
N THR A 47 -1.80 18.04 -11.47
CA THR A 47 -1.14 16.81 -11.84
C THR A 47 -1.29 15.71 -10.79
N PHE A 48 -1.76 14.54 -11.23
CA PHE A 48 -1.95 13.41 -10.36
C PHE A 48 -0.92 12.32 -10.65
N CYS A 49 -0.41 11.71 -9.59
CA CYS A 49 0.49 10.59 -9.79
C CYS A 49 -0.53 9.48 -9.86
N CYS A 50 -0.56 8.81 -10.99
CA CYS A 50 -1.51 7.73 -11.23
C CYS A 50 -0.84 6.37 -11.15
N GLU A 51 -1.24 5.59 -10.16
CA GLU A 51 -0.65 4.27 -9.98
C GLU A 51 -1.72 3.20 -9.84
N PRO A 52 -1.40 1.98 -10.26
CA PRO A 52 -2.36 0.88 -10.15
C PRO A 52 -2.51 0.44 -8.70
N LYS A 53 -3.74 0.10 -8.32
CA LYS A 53 -3.98 -0.37 -6.95
C LYS A 53 -3.87 -1.90 -7.00
N LEU A 54 -2.88 -2.45 -6.30
CA LEU A 54 -2.68 -3.89 -6.32
C LEU A 54 -3.50 -4.63 -5.27
N ASP A 55 -3.97 -5.82 -5.66
CA ASP A 55 -4.77 -6.68 -4.81
C ASP A 55 -3.93 -7.53 -3.88
N GLY A 56 -3.96 -7.17 -2.62
CA GLY A 56 -3.18 -7.92 -1.68
C GLY A 56 -3.27 -7.30 -0.31
N LEU A 57 -2.15 -7.36 0.40
CA LEU A 57 -2.06 -6.86 1.76
C LEU A 57 -1.08 -5.69 1.86
N ALA A 58 -1.50 -4.67 2.61
CA ALA A 58 -0.68 -3.47 2.83
C ALA A 58 0.27 -3.71 4.02
N VAL A 59 1.53 -3.35 3.85
CA VAL A 59 2.55 -3.52 4.90
C VAL A 59 3.47 -2.30 5.07
N SER A 60 4.07 -2.16 6.25
CA SER A 60 5.01 -1.06 6.51
C SER A 60 6.39 -1.57 6.91
N ILE A 61 7.39 -1.27 6.10
CA ILE A 61 8.77 -1.70 6.35
C ILE A 61 9.67 -0.54 6.78
N LEU A 62 10.39 -0.74 7.89
CA LEU A 62 11.29 0.28 8.45
C LEU A 62 12.76 0.01 8.18
N TYR A 63 13.47 1.03 7.70
CA TYR A 63 14.89 0.92 7.43
C TYR A 63 15.65 1.88 8.34
N VAL A 64 16.58 1.34 9.13
CA VAL A 64 17.37 2.17 10.02
C VAL A 64 18.80 2.23 9.47
N ASN A 65 19.14 3.38 8.92
CA ASN A 65 20.46 3.56 8.32
C ASN A 65 20.67 2.51 7.24
N GLY A 66 19.65 2.35 6.39
CA GLY A 66 19.72 1.41 5.28
C GLY A 66 19.34 -0.04 5.56
N GLU A 67 19.32 -0.43 6.82
CA GLU A 67 19.00 -1.80 7.17
C GLU A 67 17.55 -2.06 7.51
N LEU A 68 16.98 -3.08 6.91
CA LEU A 68 15.61 -3.45 7.20
C LEU A 68 15.65 -3.92 8.63
N THR A 69 14.94 -3.22 9.52
CA THR A 69 14.93 -3.57 10.93
C THR A 69 13.60 -4.06 11.45
N GLN A 70 12.51 -3.69 10.79
CA GLN A 70 11.17 -4.11 11.21
C GLN A 70 10.07 -3.84 10.19
N ALA A 71 9.02 -4.68 10.24
CA ALA A 71 7.88 -4.56 9.34
C ALA A 71 6.62 -5.00 10.07
N ALA A 72 5.47 -4.48 9.65
CA ALA A 72 4.18 -4.83 10.25
C ALA A 72 3.02 -4.76 9.24
N THR A 73 1.89 -5.35 9.62
CA THR A 73 0.70 -5.33 8.76
C THR A 73 -0.04 -4.05 9.07
N ARG A 74 -0.99 -3.67 8.23
CA ARG A 74 -1.71 -2.43 8.44
C ARG A 74 -2.57 -2.41 9.69
N GLY A 75 -3.16 -3.55 10.02
CA GLY A 75 -4.02 -3.60 11.18
C GLY A 75 -5.25 -2.75 10.95
N ASP A 76 -5.64 -1.98 11.96
CA ASP A 76 -6.81 -1.11 11.88
C ASP A 76 -6.41 0.24 11.29
N GLY A 77 -5.15 0.32 10.86
CA GLY A 77 -4.63 1.54 10.28
C GLY A 77 -3.78 2.24 11.32
N THR A 78 -4.04 1.91 12.58
CA THR A 78 -3.31 2.52 13.67
C THR A 78 -2.44 1.53 14.47
N THR A 79 -2.77 0.25 14.40
CA THR A 79 -1.97 -0.78 15.08
C THR A 79 -1.91 -2.04 14.21
N GLY A 80 -0.71 -2.49 13.91
CA GLY A 80 -0.56 -3.68 13.09
C GLY A 80 0.16 -4.80 13.81
N GLU A 81 0.52 -5.84 13.07
CA GLU A 81 1.21 -6.98 13.65
C GLU A 81 2.65 -7.02 13.14
N ASP A 82 3.56 -7.43 14.02
CA ASP A 82 4.98 -7.53 13.69
C ASP A 82 5.20 -8.74 12.78
N ILE A 83 5.52 -8.47 11.52
CA ILE A 83 5.74 -9.53 10.54
C ILE A 83 7.10 -9.29 9.88
N THR A 84 8.06 -8.85 10.68
CA THR A 84 9.39 -8.57 10.18
C THR A 84 10.05 -9.76 9.50
N ALA A 85 10.13 -10.88 10.22
CA ALA A 85 10.77 -12.07 9.68
C ALA A 85 10.07 -12.55 8.41
N ASN A 86 8.75 -12.49 8.41
CA ASN A 86 7.98 -12.90 7.25
C ASN A 86 8.39 -12.08 6.04
N ILE A 87 8.53 -10.78 6.27
CA ILE A 87 8.92 -9.83 5.23
C ILE A 87 10.30 -10.09 4.66
N ARG A 88 11.26 -10.44 5.53
CA ARG A 88 12.61 -10.69 5.05
C ARG A 88 12.65 -11.83 4.03
N THR A 89 11.66 -12.71 4.08
CA THR A 89 11.62 -13.83 3.13
C THR A 89 11.18 -13.41 1.74
N ILE A 90 10.66 -12.20 1.59
CA ILE A 90 10.21 -11.71 0.30
C ILE A 90 11.42 -11.18 -0.52
N ARG A 91 11.82 -11.96 -1.52
CA ARG A 91 12.97 -11.63 -2.35
C ARG A 91 13.11 -10.19 -2.80
N ASN A 92 12.09 -9.69 -3.49
CA ASN A 92 12.16 -8.34 -4.04
C ASN A 92 12.17 -7.23 -3.00
N VAL A 93 12.23 -7.61 -1.72
CA VAL A 93 12.32 -6.64 -0.64
C VAL A 93 13.80 -6.60 -0.25
N PRO A 94 14.46 -5.45 -0.43
CA PRO A 94 15.88 -5.34 -0.08
C PRO A 94 16.11 -5.30 1.42
N LEU A 95 17.21 -5.90 1.87
CA LEU A 95 17.52 -5.90 3.29
C LEU A 95 18.37 -4.68 3.61
N GLN A 96 18.98 -4.14 2.56
CA GLN A 96 19.83 -2.97 2.68
C GLN A 96 19.54 -2.00 1.53
N LEU A 97 19.22 -0.75 1.88
CA LEU A 97 18.96 0.26 0.85
C LEU A 97 20.31 0.62 0.27
N LEU A 98 20.43 0.73 -1.05
CA LEU A 98 21.74 1.09 -1.56
C LEU A 98 21.90 2.57 -1.90
N THR A 99 22.64 3.28 -1.05
CA THR A 99 22.86 4.71 -1.24
C THR A 99 24.12 5.30 -0.61
N ASP A 100 24.72 4.60 0.34
CA ASP A 100 25.91 5.15 1.03
C ASP A 100 25.44 6.21 2.06
N ASN A 101 24.24 6.76 1.85
CA ASN A 101 23.65 7.79 2.73
C ASN A 101 22.20 7.48 3.11
N PRO A 102 21.97 6.34 3.77
CA PRO A 102 20.61 5.96 4.17
C PRO A 102 20.00 6.88 5.21
N PRO A 103 18.72 7.26 5.04
CA PRO A 103 18.17 8.14 6.08
C PRO A 103 18.30 7.48 7.44
N ALA A 104 18.23 8.28 8.50
CA ALA A 104 18.33 7.77 9.87
C ALA A 104 17.34 6.62 9.97
N ARG A 105 16.11 6.94 9.60
CA ARG A 105 15.03 5.97 9.59
C ARG A 105 14.13 6.29 8.42
N LEU A 106 13.68 5.25 7.73
CA LEU A 106 12.82 5.40 6.58
C LEU A 106 11.78 4.30 6.67
N GLU A 107 10.54 4.66 6.41
CA GLU A 107 9.46 3.69 6.48
C GLU A 107 8.85 3.60 5.10
N VAL A 108 9.00 2.42 4.48
CA VAL A 108 8.46 2.19 3.14
C VAL A 108 7.12 1.46 3.27
N ARG A 109 6.15 1.90 2.48
CA ARG A 109 4.83 1.28 2.54
C ARG A 109 4.36 0.82 1.18
N GLY A 110 3.72 -0.34 1.15
CA GLY A 110 3.26 -0.89 -0.11
C GLY A 110 2.42 -2.14 0.02
N GLU A 111 2.13 -2.76 -1.13
CA GLU A 111 1.31 -3.96 -1.19
C GLU A 111 2.17 -5.20 -1.34
N VAL A 112 1.85 -6.21 -0.55
CA VAL A 112 2.55 -7.48 -0.67
C VAL A 112 1.47 -8.26 -1.43
N PHE A 113 1.89 -9.03 -2.43
CA PHE A 113 0.89 -9.76 -3.20
C PHE A 113 1.47 -11.01 -3.85
N MET A 114 0.57 -11.83 -4.37
CA MET A 114 0.92 -13.08 -5.04
C MET A 114 0.51 -13.04 -6.51
N PRO A 115 1.49 -13.08 -7.42
CA PRO A 115 1.19 -13.05 -8.85
C PRO A 115 0.45 -14.32 -9.29
N HIS A 116 -0.19 -14.27 -10.45
CA HIS A 116 -0.96 -15.43 -10.94
C HIS A 116 -0.20 -16.75 -10.96
N ALA A 117 1.02 -16.72 -11.47
CA ALA A 117 1.80 -17.95 -11.54
C ALA A 117 1.96 -18.62 -10.18
N GLY A 118 2.38 -17.84 -9.18
CA GLY A 118 2.56 -18.40 -7.85
C GLY A 118 1.25 -18.91 -7.29
N PHE A 119 0.22 -18.06 -7.34
CA PHE A 119 -1.10 -18.39 -6.83
C PHE A 119 -1.59 -19.71 -7.40
N GLU A 120 -1.53 -19.81 -8.72
CA GLU A 120 -1.96 -21.01 -9.43
C GLU A 120 -1.20 -22.24 -8.98
N ARG A 121 0.12 -22.11 -8.85
CA ARG A 121 0.96 -23.23 -8.44
C ARG A 121 0.61 -23.68 -7.01
N LEU A 122 0.49 -22.72 -6.10
CA LEU A 122 0.16 -23.00 -4.71
C LEU A 122 -1.14 -23.77 -4.62
N ASN A 123 -2.16 -23.27 -5.31
CA ASN A 123 -3.47 -23.91 -5.29
C ASN A 123 -3.46 -25.30 -5.94
N LYS A 124 -2.64 -25.47 -6.98
CA LYS A 124 -2.56 -26.77 -7.64
C LYS A 124 -2.12 -27.73 -6.56
N TYR A 125 -1.07 -27.35 -5.84
CA TYR A 125 -0.55 -28.17 -4.78
C TYR A 125 -1.63 -28.47 -3.73
N ALA A 126 -2.31 -27.43 -3.26
CA ALA A 126 -3.36 -27.58 -2.26
C ALA A 126 -4.38 -28.65 -2.66
N LEU A 127 -5.03 -28.44 -3.80
CA LEU A 127 -6.04 -29.37 -4.29
C LEU A 127 -5.55 -30.80 -4.37
N GLU A 128 -4.38 -30.97 -4.99
CA GLU A 128 -3.80 -32.29 -5.17
C GLU A 128 -3.31 -32.92 -3.86
N HIS A 129 -3.39 -32.16 -2.77
CA HIS A 129 -2.96 -32.64 -1.45
C HIS A 129 -4.05 -32.49 -0.43
N ASN A 130 -5.29 -32.54 -0.91
CA ASN A 130 -6.47 -32.43 -0.07
C ASN A 130 -6.49 -31.24 0.88
N GLU A 131 -6.48 -30.03 0.33
CA GLU A 131 -6.51 -28.80 1.14
C GLU A 131 -7.28 -27.70 0.44
N LYS A 132 -8.14 -27.01 1.19
CA LYS A 132 -8.91 -25.92 0.60
C LYS A 132 -7.99 -24.97 -0.13
N THR A 133 -8.38 -24.62 -1.35
CA THR A 133 -7.60 -23.71 -2.18
C THR A 133 -7.95 -22.27 -1.79
N PHE A 134 -7.08 -21.33 -2.10
CA PHE A 134 -7.35 -19.92 -1.79
C PHE A 134 -8.30 -19.39 -2.84
N ALA A 135 -9.30 -18.62 -2.42
CA ALA A 135 -10.26 -18.09 -3.39
C ALA A 135 -9.65 -17.14 -4.41
N ASN A 136 -8.62 -16.42 -4.00
CA ASN A 136 -8.00 -15.45 -4.87
C ASN A 136 -6.61 -15.10 -4.38
N PRO A 137 -5.81 -14.44 -5.25
CA PRO A 137 -4.44 -14.04 -4.92
C PRO A 137 -4.41 -13.13 -3.70
N ARG A 138 -5.43 -12.30 -3.57
CA ARG A 138 -5.52 -11.41 -2.44
C ARG A 138 -5.47 -12.22 -1.15
N ASN A 139 -6.50 -13.02 -0.92
CA ASN A 139 -6.58 -13.86 0.27
C ASN A 139 -5.37 -14.75 0.45
N ALA A 140 -4.86 -15.27 -0.67
CA ALA A 140 -3.71 -16.15 -0.61
C ALA A 140 -2.51 -15.38 -0.10
N ALA A 141 -2.42 -14.12 -0.52
CA ALA A 141 -1.32 -13.25 -0.12
C ALA A 141 -1.39 -13.04 1.38
N ALA A 142 -2.53 -12.55 1.84
CA ALA A 142 -2.73 -12.29 3.26
C ALA A 142 -2.33 -13.49 4.11
N GLY A 143 -2.82 -14.68 3.75
CA GLY A 143 -2.47 -15.86 4.53
C GLY A 143 -1.01 -16.23 4.41
N SER A 144 -0.50 -16.24 3.19
CA SER A 144 0.90 -16.58 2.99
C SER A 144 1.82 -15.68 3.82
N LEU A 145 1.44 -14.43 3.96
CA LEU A 145 2.24 -13.46 4.70
C LEU A 145 2.07 -13.47 6.22
N ARG A 146 0.83 -13.49 6.67
CA ARG A 146 0.55 -13.50 8.09
C ARG A 146 0.76 -14.90 8.66
N GLN A 147 2.00 -15.37 8.67
CA GLN A 147 2.33 -16.71 9.18
C GLN A 147 3.17 -16.65 10.44
N LEU A 148 2.77 -17.39 11.46
CA LEU A 148 3.54 -17.41 12.71
C LEU A 148 4.91 -17.98 12.42
N ASP A 149 4.99 -18.90 11.46
CA ASP A 149 6.27 -19.49 11.11
C ASP A 149 6.76 -18.86 9.81
N PRO A 150 7.75 -17.96 9.90
CA PRO A 150 8.30 -17.28 8.73
C PRO A 150 8.82 -18.21 7.62
N ASN A 151 8.99 -19.50 7.93
CA ASN A 151 9.47 -20.48 6.94
C ASN A 151 8.39 -20.80 5.92
N ILE A 152 7.15 -20.84 6.39
CA ILE A 152 6.01 -21.08 5.52
C ILE A 152 5.98 -19.90 4.54
N THR A 153 5.95 -18.69 5.10
CA THR A 153 5.95 -17.47 4.32
C THR A 153 7.10 -17.55 3.33
N SER A 154 8.18 -18.16 3.76
CA SER A 154 9.36 -18.33 2.94
C SER A 154 9.05 -19.05 1.63
N LYS A 155 8.21 -20.07 1.71
CA LYS A 155 7.84 -20.87 0.55
C LYS A 155 6.66 -20.38 -0.30
N ARG A 156 6.06 -19.25 0.08
CA ARG A 156 4.95 -18.68 -0.67
C ARG A 156 5.51 -17.58 -1.57
N PRO A 157 5.09 -17.54 -2.83
CA PRO A 157 5.58 -16.54 -3.78
C PRO A 157 4.95 -15.14 -3.60
N LEU A 158 5.57 -14.34 -2.74
CA LEU A 158 5.09 -13.00 -2.46
C LEU A 158 5.93 -11.92 -3.11
N VAL A 159 5.34 -10.76 -3.35
CA VAL A 159 6.05 -9.68 -3.98
C VAL A 159 5.61 -8.36 -3.41
N LEU A 160 6.58 -7.47 -3.25
CA LEU A 160 6.32 -6.15 -2.71
C LEU A 160 6.37 -5.04 -3.74
N ASN A 161 5.33 -4.22 -3.76
CA ASN A 161 5.29 -3.06 -4.63
C ASN A 161 4.99 -1.87 -3.74
N ALA A 162 6.01 -1.03 -3.57
CA ALA A 162 5.95 0.16 -2.73
C ALA A 162 5.12 1.28 -3.35
N TYR A 163 4.46 2.06 -2.50
CA TYR A 163 3.65 3.18 -2.95
C TYR A 163 3.71 4.42 -2.05
N GLY A 164 4.52 4.36 -1.00
CA GLY A 164 4.60 5.51 -0.12
C GLY A 164 5.67 5.45 0.96
N ILE A 165 5.71 6.51 1.74
CA ILE A 165 6.68 6.63 2.83
C ILE A 165 5.98 7.05 4.11
N GLY A 166 6.50 6.57 5.24
CA GLY A 166 5.98 6.94 6.55
C GLY A 166 7.10 7.77 7.16
N ILE A 167 7.67 7.28 8.26
CA ILE A 167 8.77 7.99 8.90
C ILE A 167 9.88 8.21 7.88
N ALA A 168 10.61 9.30 8.02
CA ALA A 168 11.72 9.61 7.13
C ALA A 168 12.51 10.66 7.87
N GLU A 169 13.76 10.38 8.18
CA GLU A 169 14.53 11.33 8.94
C GLU A 169 15.78 11.86 8.29
N GLY A 170 16.80 11.03 8.17
CA GLY A 170 18.02 11.51 7.56
C GLY A 170 17.88 11.91 6.10
N VAL A 171 16.74 12.46 5.70
CA VAL A 171 16.52 12.85 4.29
C VAL A 171 15.67 14.08 4.06
N GLY A 172 15.76 14.57 2.83
CA GLY A 172 14.99 15.71 2.38
C GLY A 172 14.32 15.14 1.15
N LEU A 173 13.17 14.50 1.34
CA LEU A 173 12.44 13.88 0.24
C LEU A 173 11.99 14.88 -0.82
N PRO A 174 12.05 14.51 -2.11
CA PRO A 174 11.62 15.42 -3.18
C PRO A 174 10.22 15.96 -2.94
N THR A 175 9.90 17.04 -3.64
CA THR A 175 8.63 17.70 -3.48
C THR A 175 7.44 17.06 -4.16
N THR A 176 7.67 16.08 -5.01
CA THR A 176 6.56 15.41 -5.65
C THR A 176 6.56 13.93 -5.37
N HIS A 177 5.37 13.41 -5.10
CA HIS A 177 5.19 12.00 -4.81
C HIS A 177 5.93 11.14 -5.85
N TYR A 178 5.70 11.43 -7.13
CA TYR A 178 6.34 10.68 -8.18
C TYR A 178 7.87 10.73 -8.07
N ALA A 179 8.39 11.89 -7.71
CA ALA A 179 9.82 12.05 -7.53
C ALA A 179 10.25 11.14 -6.39
N ARG A 180 9.39 11.05 -5.38
CA ARG A 180 9.67 10.22 -4.23
C ARG A 180 9.72 8.74 -4.58
N LEU A 181 8.79 8.30 -5.42
CA LEU A 181 8.76 6.89 -5.83
C LEU A 181 10.03 6.57 -6.62
N GLN A 182 10.45 7.49 -7.48
CA GLN A 182 11.66 7.32 -8.27
C GLN A 182 12.89 7.22 -7.37
N TRP A 183 12.86 7.96 -6.27
CA TRP A 183 13.97 7.92 -5.31
C TRP A 183 13.97 6.54 -4.64
N LEU A 184 12.79 6.06 -4.27
CA LEU A 184 12.67 4.77 -3.63
C LEU A 184 13.17 3.67 -4.56
N LYS A 185 13.03 3.87 -5.87
CA LYS A 185 13.48 2.87 -6.83
C LYS A 185 14.98 2.80 -6.76
N SER A 186 15.60 3.96 -6.96
CA SER A 186 17.05 4.12 -6.98
C SER A 186 17.75 3.57 -5.76
N ILE A 187 17.12 3.71 -4.59
CA ILE A 187 17.76 3.22 -3.38
C ILE A 187 17.49 1.73 -3.21
N GLY A 188 16.92 1.12 -4.26
CA GLY A 188 16.67 -0.32 -4.25
C GLY A 188 15.30 -0.89 -3.92
N ILE A 189 14.32 -0.03 -3.69
CA ILE A 189 13.00 -0.52 -3.36
C ILE A 189 12.14 -0.70 -4.60
N PRO A 190 11.33 -1.77 -4.62
CA PRO A 190 10.44 -2.10 -5.73
C PRO A 190 9.17 -1.26 -5.79
N VAL A 191 8.88 -0.72 -6.97
CA VAL A 191 7.67 0.05 -7.14
C VAL A 191 7.09 -0.29 -8.51
N ASN A 192 5.77 -0.37 -8.59
CA ASN A 192 5.12 -0.71 -9.85
C ASN A 192 5.51 0.23 -11.01
N PRO A 193 5.90 -0.35 -12.15
CA PRO A 193 6.30 0.41 -13.33
C PRO A 193 5.17 0.99 -14.18
N GLU A 194 3.92 0.67 -13.81
CA GLU A 194 2.77 1.16 -14.55
C GLU A 194 2.36 2.57 -14.09
N ILE A 195 3.03 3.07 -13.05
CA ILE A 195 2.77 4.39 -12.51
C ILE A 195 3.11 5.45 -13.56
N ARG A 196 2.16 6.32 -13.85
CA ARG A 196 2.34 7.38 -14.84
C ARG A 196 1.84 8.70 -14.25
N LEU A 197 2.20 9.81 -14.89
CA LEU A 197 1.75 11.11 -14.41
C LEU A 197 0.63 11.61 -15.29
N CYS A 198 -0.37 12.26 -14.68
CA CYS A 198 -1.49 12.75 -15.46
C CYS A 198 -1.92 14.17 -15.13
N ASN A 199 -2.32 14.89 -16.17
CA ASN A 199 -2.78 16.28 -16.02
C ASN A 199 -4.26 16.34 -16.33
N GLY A 200 -5.06 16.68 -15.34
CA GLY A 200 -6.49 16.78 -15.52
C GLY A 200 -7.25 15.48 -15.71
N ALA A 201 -8.43 15.45 -15.10
CA ALA A 201 -9.33 14.31 -15.14
C ALA A 201 -9.23 13.49 -16.42
N ASP A 202 -9.59 14.10 -17.55
CA ASP A 202 -9.55 13.43 -18.84
C ASP A 202 -8.35 12.48 -18.96
N GLU A 203 -7.16 13.01 -18.67
CA GLU A 203 -5.92 12.26 -18.75
C GLU A 203 -5.89 11.09 -17.76
N VAL A 204 -6.35 11.34 -16.54
CA VAL A 204 -6.41 10.35 -15.49
C VAL A 204 -7.35 9.25 -15.94
N LEU A 205 -8.55 9.66 -16.36
CA LEU A 205 -9.58 8.74 -16.83
C LEU A 205 -9.02 7.80 -17.89
N ASP A 206 -8.08 8.28 -18.68
CA ASP A 206 -7.46 7.44 -19.69
C ASP A 206 -6.67 6.37 -18.95
N PHE A 207 -5.84 6.81 -18.00
CA PHE A 207 -5.04 5.89 -17.20
C PHE A 207 -5.95 4.80 -16.64
N TYR A 208 -7.09 5.23 -16.11
CA TYR A 208 -8.07 4.34 -15.55
C TYR A 208 -8.49 3.27 -16.57
N GLN A 209 -8.78 3.72 -17.77
CA GLN A 209 -9.19 2.81 -18.82
C GLN A 209 -8.06 1.85 -19.15
N ASP A 210 -6.90 2.41 -19.51
CA ASP A 210 -5.72 1.61 -19.86
C ASP A 210 -5.38 0.53 -18.83
N ILE A 211 -5.34 0.91 -17.56
CA ILE A 211 -5.03 -0.08 -16.53
C ILE A 211 -6.14 -1.12 -16.44
N GLN A 212 -7.39 -0.67 -16.37
CA GLN A 212 -8.50 -1.61 -16.30
C GLN A 212 -8.42 -2.65 -17.42
N ASN A 213 -7.95 -2.22 -18.59
CA ASN A 213 -7.81 -3.11 -19.73
C ASN A 213 -6.56 -3.95 -19.59
N LYS A 214 -6.20 -4.30 -18.36
CA LYS A 214 -5.01 -5.11 -18.11
C LYS A 214 -4.85 -5.36 -16.61
N ARG A 215 -5.99 -5.40 -15.93
CA ARG A 215 -6.05 -5.63 -14.50
C ARG A 215 -5.65 -7.05 -14.12
N SER A 216 -5.61 -7.95 -15.10
CA SER A 216 -5.25 -9.34 -14.84
C SER A 216 -4.22 -9.80 -15.88
N SER A 217 -4.11 -9.04 -16.97
CA SER A 217 -3.21 -9.37 -18.07
C SER A 217 -1.72 -9.21 -17.77
N LEU A 218 -1.39 -8.43 -16.74
CA LEU A 218 -0.01 -8.19 -16.37
C LEU A 218 0.67 -9.31 -15.56
N GLY A 219 -0.10 -10.32 -15.17
CA GLY A 219 0.46 -11.43 -14.41
C GLY A 219 0.11 -11.42 -12.93
N TYR A 220 -0.66 -10.40 -12.53
CA TYR A 220 -1.07 -10.25 -11.14
C TYR A 220 -2.38 -9.45 -11.13
N ASP A 221 -3.08 -9.46 -10.00
CA ASP A 221 -4.36 -8.77 -9.85
C ASP A 221 -4.30 -7.29 -9.47
N ILE A 222 -5.00 -6.47 -10.25
CA ILE A 222 -5.09 -5.04 -9.97
C ILE A 222 -6.54 -4.69 -9.63
N ASP A 223 -6.72 -4.27 -8.38
CA ASP A 223 -8.00 -3.88 -7.78
C ASP A 223 -8.66 -2.70 -8.50
N GLY A 224 -7.87 -1.69 -8.80
CA GLY A 224 -8.34 -0.50 -9.46
C GLY A 224 -7.14 0.39 -9.64
N THR A 225 -7.30 1.68 -9.37
CA THR A 225 -6.20 2.65 -9.51
C THR A 225 -6.32 3.71 -8.45
N VAL A 226 -5.21 3.99 -7.78
CA VAL A 226 -5.23 5.03 -6.76
C VAL A 226 -4.71 6.29 -7.44
N LEU A 227 -5.44 7.38 -7.29
CA LEU A 227 -5.06 8.65 -7.89
C LEU A 227 -4.66 9.60 -6.78
N LYS A 228 -3.48 10.19 -6.90
CA LYS A 228 -2.99 11.09 -5.86
C LYS A 228 -2.51 12.39 -6.47
N ILE A 229 -2.60 13.49 -5.71
CA ILE A 229 -2.09 14.75 -6.23
C ILE A 229 -0.58 14.60 -6.11
N ASN A 230 0.12 14.85 -7.21
CA ASN A 230 1.57 14.69 -7.23
C ASN A 230 2.33 15.67 -6.33
N ASP A 231 1.92 16.93 -6.36
CA ASP A 231 2.59 17.94 -5.55
C ASP A 231 2.36 17.76 -4.05
N ILE A 232 3.45 17.46 -3.35
CA ILE A 232 3.40 17.25 -1.89
C ILE A 232 2.88 18.47 -1.14
N ALA A 233 3.28 19.67 -1.59
CA ALA A 233 2.82 20.89 -0.94
C ALA A 233 1.30 20.96 -0.96
N LEU A 234 0.71 20.73 -2.14
CA LEU A 234 -0.75 20.74 -2.28
C LEU A 234 -1.38 19.72 -1.36
N GLN A 235 -0.72 18.58 -1.22
CA GLN A 235 -1.23 17.51 -0.36
C GLN A 235 -1.37 18.06 1.05
N ASN A 236 -0.31 18.66 1.55
CA ASN A 236 -0.33 19.21 2.90
C ASN A 236 -1.50 20.17 2.98
N GLU A 237 -1.58 21.06 1.99
CA GLU A 237 -2.65 22.04 1.94
C GLU A 237 -4.01 21.34 1.93
N LEU A 238 -4.23 20.47 0.95
CA LEU A 238 -5.50 19.75 0.84
C LEU A 238 -5.97 19.05 2.11
N GLY A 239 -5.04 18.63 2.96
CA GLY A 239 -5.42 17.99 4.22
C GLY A 239 -5.84 16.53 4.30
N PHE A 240 -6.51 16.20 5.40
CA PHE A 240 -6.98 14.83 5.66
C PHE A 240 -8.43 14.76 6.15
N ILE A 241 -9.26 14.01 5.43
CA ILE A 241 -10.68 13.87 5.80
C ILE A 241 -10.85 13.00 7.05
N SER A 242 -10.32 13.49 8.16
CA SER A 242 -10.35 12.82 9.46
C SER A 242 -11.69 12.26 9.92
N LYS A 243 -11.62 11.44 10.97
CA LYS A 243 -12.81 10.87 11.59
C LYS A 243 -12.36 10.15 12.85
N ALA A 244 -13.03 10.48 13.95
CA ALA A 244 -12.78 9.96 15.31
C ALA A 244 -11.85 10.90 16.08
N PRO A 245 -12.28 11.37 17.26
CA PRO A 245 -11.46 12.27 18.08
C PRO A 245 -10.50 11.52 18.99
N ARG A 246 -9.46 12.20 19.46
CA ARG A 246 -8.51 11.58 20.39
C ARG A 246 -8.95 11.86 21.81
N TRP A 247 -9.77 12.88 21.99
CA TRP A 247 -10.26 13.26 23.31
C TRP A 247 -11.43 12.42 23.85
N ALA A 248 -11.94 11.51 23.05
CA ALA A 248 -13.06 10.69 23.49
C ALA A 248 -12.92 9.24 23.11
N ILE A 249 -13.82 8.41 23.65
CA ILE A 249 -13.80 6.99 23.38
C ILE A 249 -15.09 6.35 23.85
N ALA A 250 -15.50 5.28 23.18
CA ALA A 250 -16.73 4.59 23.56
C ALA A 250 -16.39 3.31 24.32
N TYR A 251 -16.75 3.27 25.60
CA TYR A 251 -16.49 2.09 26.42
C TYR A 251 -17.78 1.27 26.43
N LYS A 252 -17.84 0.33 25.51
CA LYS A 252 -19.01 -0.53 25.35
C LYS A 252 -19.18 -1.62 26.39
N PHE A 253 -20.45 -1.91 26.68
CA PHE A 253 -20.84 -2.95 27.62
C PHE A 253 -20.70 -4.30 26.95
N PRO A 254 -20.46 -5.36 27.73
CA PRO A 254 -20.32 -6.69 27.13
C PRO A 254 -21.61 -7.02 26.41
N ALA A 255 -21.49 -7.72 25.29
CA ALA A 255 -22.65 -8.10 24.49
C ALA A 255 -23.81 -8.65 25.30
N GLN A 256 -25.00 -8.47 24.74
CA GLN A 256 -26.25 -8.91 25.34
C GLN A 256 -26.29 -10.43 25.21
N GLU A 257 -26.77 -11.10 26.22
CA GLU A 257 -26.83 -12.55 26.12
C GLU A 257 -28.24 -13.01 25.76
N GLU A 258 -28.35 -14.27 25.34
CA GLU A 258 -29.63 -14.83 24.97
C GLU A 258 -30.39 -15.25 26.23
N LEU A 259 -31.66 -15.59 26.08
CA LEU A 259 -32.50 -16.01 27.20
C LEU A 259 -32.03 -17.28 27.91
N THR A 260 -32.89 -18.30 27.93
CA THR A 260 -32.59 -19.58 28.58
C THR A 260 -32.35 -19.39 30.07
#